data_1YOE
#
_entry.id   1YOE
#
_cell.length_a   76.466
_cell.length_b   84.062
_cell.length_c   112.483
_cell.angle_alpha   90.00
_cell.angle_beta   90.00
_cell.angle_gamma   90.00
#
_symmetry.space_group_name_H-M   'I 2 2 2'
#
loop_
_entity.id
_entity.type
_entity.pdbx_description
1 polymer 'Hypothetical protein ybeK'
2 non-polymer alpha-D-ribofuranose
3 non-polymer 'CALCIUM ION'
4 water water
#
_entity_poly.entity_id   1
_entity_poly.type   'polypeptide(L)'
_entity_poly.pdbx_seq_one_letter_code
;MRGSHHHHHHGSALPILLDCDPGHDDAIAIVLALASPELDVKAITSSAGNQTPEKTLRNVLRMLTLLNRTDIPVAGGAVK
PLMRELIIADNVHGESGLDGPALPEPTFAPQNCTAVELMAKTLRESAEPVTIVSTGPQTNVALLLNSHPELHSKIARIVI
MGGAMGLGNWTPAAEFNIYVDPEAAEIVFQSGIPVVMAGLDVTHKAQIHVEDTERFRAIGNPVSTIVAELLDFFLEYHKD
EKWGFVGAPLHDPCTIAWLLKPELFTSVERWVGVETQGKYTQGMTVVDYYYLTGNKPNATVMVDVDRQGFVDLLADRLKF
YA
;
_entity_poly.pdbx_strand_id   A
#
loop_
_chem_comp.id
_chem_comp.type
_chem_comp.name
_chem_comp.formula
CA non-polymer 'CALCIUM ION' 'Ca 2'
RIB D-saccharide, alpha linking alpha-D-ribofuranose 'C5 H10 O5'
#
# COMPACT_ATOMS: atom_id res chain seq x y z
N GLY A 11 -3.29 -15.77 21.16
CA GLY A 11 -4.65 -15.29 20.76
C GLY A 11 -4.71 -14.86 19.30
N SER A 12 -5.74 -14.08 18.97
CA SER A 12 -5.92 -13.59 17.60
C SER A 12 -4.96 -12.45 17.27
N ALA A 13 -4.60 -12.36 16.00
CA ALA A 13 -3.63 -11.37 15.51
C ALA A 13 -4.31 -10.04 15.18
N LEU A 14 -3.58 -9.07 14.63
CA LEU A 14 -4.17 -7.79 14.24
C LEU A 14 -4.89 -7.94 12.89
N PRO A 15 -6.20 -7.72 12.82
CA PRO A 15 -6.94 -7.94 11.58
C PRO A 15 -6.70 -6.79 10.60
N ILE A 16 -6.32 -7.13 9.38
CA ILE A 16 -6.11 -6.12 8.35
C ILE A 16 -6.80 -6.44 7.03
N LEU A 17 -7.20 -5.38 6.34
CA LEU A 17 -7.69 -5.47 4.97
C LEU A 17 -6.61 -4.81 4.11
N LEU A 18 -6.10 -5.52 3.12
CA LEU A 18 -5.07 -4.98 2.24
C LEU A 18 -5.67 -4.69 0.87
N ASP A 19 -5.53 -3.44 0.44
CA ASP A 19 -6.04 -3.00 -0.85
C ASP A 19 -4.85 -2.48 -1.65
N CYS A 20 -4.64 -2.99 -2.86
CA CYS A 20 -3.38 -2.70 -3.54
C CYS A 20 -3.47 -2.91 -5.04
N ASP A 21 -2.43 -2.46 -5.73
CA ASP A 21 -2.42 -2.51 -7.19
C ASP A 21 -1.10 -3.10 -7.73
N PRO A 22 -0.82 -4.37 -7.47
CA PRO A 22 0.51 -4.90 -7.77
C PRO A 22 0.87 -4.89 -9.26
N GLY A 23 2.04 -4.36 -9.64
CA GLY A 23 2.92 -3.58 -8.77
C GLY A 23 3.95 -4.35 -7.96
N HIS A 24 5.22 -4.14 -8.28
CA HIS A 24 6.30 -4.89 -7.60
C HIS A 24 6.38 -4.62 -6.10
N ASP A 25 6.26 -3.36 -5.69
CA ASP A 25 6.36 -3.11 -4.25
C ASP A 25 5.09 -3.53 -3.51
N ASP A 26 3.93 -3.44 -4.16
CA ASP A 26 2.70 -3.98 -3.56
C ASP A 26 2.89 -5.47 -3.30
N ALA A 27 3.45 -6.17 -4.28
CA ALA A 27 3.66 -7.62 -4.17
C ALA A 27 4.63 -7.93 -3.01
N ILE A 28 5.66 -7.12 -2.85
CA ILE A 28 6.60 -7.32 -1.74
C ILE A 28 5.92 -7.03 -0.39
N ALA A 29 5.01 -6.06 -0.39
CA ALA A 29 4.21 -5.78 0.81
C ALA A 29 3.35 -6.99 1.21
N ILE A 30 2.75 -7.65 0.23
CA ILE A 30 1.98 -8.88 0.46
C ILE A 30 2.88 -9.96 1.10
N VAL A 31 4.05 -10.16 0.50
CA VAL A 31 5.04 -11.11 1.01
C VAL A 31 5.39 -10.84 2.48
N LEU A 32 5.67 -9.58 2.80
CA LEU A 32 6.03 -9.20 4.16
C LEU A 32 4.86 -9.42 5.13
N ALA A 33 3.66 -9.04 4.71
CA ALA A 33 2.49 -9.21 5.59
C ALA A 33 2.22 -10.67 5.90
N LEU A 34 2.39 -11.53 4.90
CA LEU A 34 2.06 -12.95 5.04
C LEU A 34 3.14 -13.72 5.80
N ALA A 35 4.29 -13.07 6.00
CA ALA A 35 5.39 -13.65 6.79
C ALA A 35 5.34 -13.18 8.24
N SER A 36 4.25 -12.51 8.61
CA SER A 36 4.14 -11.82 9.90
C SER A 36 2.92 -12.29 10.70
N PRO A 37 3.11 -13.28 11.58
CA PRO A 37 2.02 -13.83 12.40
C PRO A 37 1.31 -12.81 13.30
N GLU A 38 1.89 -11.62 13.50
CA GLU A 38 1.25 -10.55 14.29
C GLU A 38 0.04 -10.00 13.54
N LEU A 39 0.00 -10.25 12.24
CA LEU A 39 -1.06 -9.74 11.36
C LEU A 39 -1.92 -10.87 10.83
N ASP A 40 -3.22 -10.61 10.76
CA ASP A 40 -4.18 -11.53 10.19
C ASP A 40 -4.81 -10.84 8.97
N VAL A 41 -4.29 -11.14 7.79
CA VAL A 41 -4.80 -10.52 6.56
C VAL A 41 -6.15 -11.15 6.24
N LYS A 42 -7.23 -10.38 6.39
CA LYS A 42 -8.59 -10.89 6.24
C LYS A 42 -9.05 -11.01 4.80
N ALA A 43 -8.49 -10.18 3.93
CA ALA A 43 -8.81 -10.12 2.51
C ALA A 43 -7.78 -9.27 1.80
N ILE A 44 -7.61 -9.52 0.51
CA ILE A 44 -6.82 -8.61 -0.31
C ILE A 44 -7.68 -8.20 -1.48
N THR A 45 -7.79 -6.89 -1.69
CA THR A 45 -8.56 -6.38 -2.83
C THR A 45 -7.68 -5.58 -3.76
N SER A 46 -8.08 -5.47 -5.03
CA SER A 46 -7.25 -4.80 -6.00
C SER A 46 -7.83 -3.46 -6.42
N SER A 47 -6.95 -2.46 -6.47
CA SER A 47 -7.27 -1.16 -7.04
C SER A 47 -6.59 -1.06 -8.42
N ALA A 48 -6.99 -0.06 -9.20
CA ALA A 48 -6.43 0.17 -10.53
C ALA A 48 -5.55 1.39 -10.42
N GLY A 49 -4.35 1.32 -11.00
CA GLY A 49 -3.37 2.38 -10.86
C GLY A 49 -2.12 1.96 -11.59
N ASN A 50 -1.28 1.16 -10.94
CA ASN A 50 -0.07 0.62 -11.56
C ASN A 50 -0.38 -0.05 -12.89
N GLN A 51 -1.46 -0.83 -12.91
CA GLN A 51 -1.97 -1.45 -14.12
C GLN A 51 -3.50 -1.39 -14.17
N THR A 52 -4.07 -1.87 -15.28
CA THR A 52 -5.53 -2.00 -15.44
C THR A 52 -6.11 -2.90 -14.33
N PRO A 53 -7.41 -2.78 -14.04
CA PRO A 53 -8.00 -3.57 -12.94
C PRO A 53 -7.92 -5.10 -13.20
N GLU A 54 -7.99 -5.54 -14.46
CA GLU A 54 -7.86 -6.98 -14.72
C GLU A 54 -6.47 -7.48 -14.33
N LYS A 55 -5.45 -6.66 -14.62
CA LYS A 55 -4.07 -7.04 -14.32
C LYS A 55 -3.75 -7.01 -12.83
N THR A 56 -4.21 -5.98 -12.11
CA THR A 56 -3.89 -5.94 -10.67
C THR A 56 -4.58 -7.07 -9.92
N LEU A 57 -5.81 -7.41 -10.33
CA LEU A 57 -6.52 -8.54 -9.75
C LEU A 57 -5.76 -9.86 -9.99
N ARG A 58 -5.38 -10.08 -11.24
CA ARG A 58 -4.60 -11.28 -11.62
C ARG A 58 -3.32 -11.35 -10.80
N ASN A 59 -2.68 -10.19 -10.57
CA ASN A 59 -1.41 -10.15 -9.84
C ASN A 59 -1.55 -10.50 -8.36
N VAL A 60 -2.64 -10.06 -7.74
CA VAL A 60 -2.94 -10.48 -6.36
C VAL A 60 -3.08 -12.00 -6.30
N LEU A 61 -3.87 -12.55 -7.22
CA LEU A 61 -4.09 -13.99 -7.29
C LEU A 61 -2.80 -14.78 -7.52
N ARG A 62 -1.94 -14.31 -8.42
CA ARG A 62 -0.66 -14.97 -8.66
C ARG A 62 0.23 -14.95 -7.43
N MET A 63 0.28 -13.83 -6.73
CA MET A 63 1.08 -13.73 -5.51
C MET A 63 0.56 -14.63 -4.41
N LEU A 64 -0.75 -14.68 -4.23
CA LEU A 64 -1.31 -15.57 -3.20
C LEU A 64 -1.11 -17.05 -3.57
N THR A 65 -1.15 -17.35 -4.86
CA THR A 65 -0.86 -18.71 -5.35
C THR A 65 0.57 -19.09 -5.00
N LEU A 66 1.52 -18.21 -5.33
CA LEU A 66 2.95 -18.41 -5.04
C LEU A 66 3.20 -18.68 -3.56
N LEU A 67 2.55 -17.88 -2.72
CA LEU A 67 2.73 -17.91 -1.28
C LEU A 67 1.92 -18.99 -0.55
N ASN A 68 1.20 -19.81 -1.32
CA ASN A 68 0.28 -20.83 -0.79
C ASN A 68 -0.68 -20.30 0.28
N ARG A 69 -1.25 -19.13 -0.02
CA ARG A 69 -2.28 -18.54 0.82
C ARG A 69 -3.56 -18.30 0.02
N THR A 70 -4.04 -19.36 -0.63
CA THR A 70 -5.29 -19.30 -1.40
C THR A 70 -6.52 -19.23 -0.49
N ASP A 71 -6.28 -19.33 0.82
CA ASP A 71 -7.34 -19.20 1.82
C ASP A 71 -7.74 -17.75 2.07
N ILE A 72 -6.92 -16.80 1.64
CA ILE A 72 -7.26 -15.38 1.84
C ILE A 72 -8.21 -14.97 0.71
N PRO A 73 -9.41 -14.51 1.02
CA PRO A 73 -10.35 -14.10 -0.04
C PRO A 73 -9.88 -12.86 -0.78
N VAL A 74 -10.11 -12.86 -2.10
CA VAL A 74 -9.66 -11.78 -2.99
C VAL A 74 -10.86 -11.25 -3.77
N ALA A 75 -10.93 -9.93 -3.91
CA ALA A 75 -11.94 -9.34 -4.81
C ALA A 75 -11.40 -8.17 -5.62
N GLY A 76 -11.82 -8.07 -6.88
CA GLY A 76 -11.43 -6.96 -7.73
C GLY A 76 -12.25 -5.71 -7.39
N GLY A 77 -11.60 -4.55 -7.39
CA GLY A 77 -12.25 -3.30 -7.06
C GLY A 77 -12.68 -2.43 -8.24
N ALA A 78 -12.79 -1.13 -7.96
CA ALA A 78 -13.25 -0.14 -8.95
C ALA A 78 -12.35 -0.17 -10.17
N VAL A 79 -12.97 0.02 -11.34
CA VAL A 79 -12.25 -0.11 -12.60
C VAL A 79 -11.56 1.18 -13.04
N LYS A 80 -11.92 2.27 -12.36
CA LYS A 80 -11.36 3.59 -12.65
C LYS A 80 -11.52 4.52 -11.44
N PRO A 81 -10.81 5.66 -11.43
CA PRO A 81 -11.00 6.68 -10.40
C PRO A 81 -12.43 7.19 -10.31
N LEU A 82 -12.76 7.76 -9.15
CA LEU A 82 -14.12 8.26 -8.92
C LEU A 82 -14.64 9.21 -10.00
N MET A 83 -13.81 10.20 -10.34
CA MET A 83 -14.21 11.30 -11.21
C MET A 83 -13.26 11.58 -12.35
N ARG A 84 -12.34 10.65 -12.58
CA ARG A 84 -11.28 10.83 -13.56
C ARG A 84 -11.09 9.55 -14.35
N GLU A 85 -10.52 9.68 -15.54
CA GLU A 85 -10.19 8.51 -16.32
C GLU A 85 -8.96 7.87 -15.71
N LEU A 86 -8.83 6.57 -15.88
CA LEU A 86 -7.68 5.86 -15.40
C LEU A 86 -6.44 6.22 -16.19
N ILE A 87 -5.37 6.51 -15.46
CA ILE A 87 -4.04 6.58 -16.03
C ILE A 87 -3.29 5.46 -15.32
N ILE A 88 -2.38 4.82 -16.04
CA ILE A 88 -1.61 3.71 -15.46
C ILE A 88 -0.11 4.03 -15.46
N ALA A 89 0.66 3.30 -14.64
CA ALA A 89 2.11 3.53 -14.50
C ALA A 89 2.87 3.44 -15.82
N GLU A 95 4.57 -6.26 -19.64
CA GLU A 95 3.25 -5.62 -19.71
C GLU A 95 2.24 -6.13 -18.65
N SER A 96 2.68 -7.03 -17.76
CA SER A 96 1.80 -7.66 -16.78
C SER A 96 1.58 -6.83 -15.52
N GLY A 97 2.55 -5.96 -15.20
CA GLY A 97 2.51 -5.19 -13.97
C GLY A 97 3.37 -5.78 -12.87
N LEU A 98 3.83 -7.03 -13.09
CA LEU A 98 4.74 -7.73 -12.18
C LEU A 98 5.89 -8.38 -12.94
N ASP A 99 6.42 -7.67 -13.93
CA ASP A 99 7.41 -8.24 -14.83
C ASP A 99 8.76 -8.53 -14.17
N GLY A 100 9.43 -9.57 -14.65
CA GLY A 100 10.68 -10.01 -14.09
C GLY A 100 10.66 -11.50 -13.82
N PRO A 101 10.16 -11.91 -12.64
CA PRO A 101 10.08 -13.33 -12.28
C PRO A 101 9.02 -14.10 -13.06
N ALA A 102 9.24 -15.39 -13.25
CA ALA A 102 8.19 -16.28 -13.72
C ALA A 102 7.28 -16.57 -12.52
N LEU A 103 6.00 -16.22 -12.65
CA LEU A 103 5.05 -16.42 -11.56
C LEU A 103 4.02 -17.48 -11.96
N PRO A 104 3.45 -18.20 -10.99
CA PRO A 104 2.46 -19.23 -11.32
C PRO A 104 1.15 -18.60 -11.77
N GLU A 105 0.45 -19.29 -12.66
CA GLU A 105 -0.94 -18.97 -12.97
C GLU A 105 -1.76 -19.16 -11.68
N PRO A 106 -2.83 -18.38 -11.46
CA PRO A 106 -3.66 -18.56 -10.27
C PRO A 106 -4.27 -19.96 -10.21
N THR A 107 -4.32 -20.53 -9.01
CA THR A 107 -4.95 -21.84 -8.78
C THR A 107 -6.32 -21.67 -8.12
N PHE A 108 -6.71 -20.42 -7.90
CA PHE A 108 -7.99 -20.11 -7.28
C PHE A 108 -8.64 -18.89 -7.90
N ALA A 109 -9.93 -18.72 -7.61
CA ALA A 109 -10.74 -17.68 -8.19
C ALA A 109 -10.97 -16.55 -7.17
N PRO A 110 -11.16 -15.33 -7.64
CA PRO A 110 -11.57 -14.25 -6.74
C PRO A 110 -13.00 -14.52 -6.30
N GLN A 111 -13.39 -13.87 -5.20
CA GLN A 111 -14.76 -13.95 -4.71
C GLN A 111 -15.71 -13.35 -5.74
N ASN A 112 -16.96 -13.80 -5.74
N ASN A 112 -16.94 -13.84 -5.70
CA ASN A 112 -17.96 -13.28 -6.68
CA ASN A 112 -18.03 -13.35 -6.51
C ASN A 112 -18.67 -12.03 -6.14
C ASN A 112 -18.65 -12.12 -5.83
N CYS A 113 -17.87 -11.04 -5.76
CA CYS A 113 -18.32 -9.77 -5.20
C CYS A 113 -17.29 -8.71 -5.53
N THR A 114 -17.59 -7.44 -5.24
CA THR A 114 -16.62 -6.36 -5.46
C THR A 114 -15.72 -6.22 -4.25
N ALA A 115 -14.65 -5.45 -4.41
CA ALA A 115 -13.75 -5.11 -3.31
C ALA A 115 -14.49 -4.46 -2.16
N VAL A 116 -15.32 -3.47 -2.44
CA VAL A 116 -16.06 -2.77 -1.38
C VAL A 116 -16.96 -3.77 -0.62
N GLU A 117 -17.61 -4.66 -1.37
CA GLU A 117 -18.47 -5.68 -0.77
C GLU A 117 -17.68 -6.58 0.16
N LEU A 118 -16.47 -6.97 -0.28
CA LEU A 118 -15.64 -7.84 0.54
C LEU A 118 -15.11 -7.12 1.78
N MET A 119 -14.72 -5.86 1.63
CA MET A 119 -14.30 -5.05 2.77
C MET A 119 -15.45 -4.88 3.76
N ALA A 120 -16.64 -4.53 3.26
CA ALA A 120 -17.83 -4.35 4.10
C ALA A 120 -18.19 -5.61 4.89
N LYS A 121 -18.19 -6.75 4.20
CA LYS A 121 -18.46 -8.06 4.80
C LYS A 121 -17.47 -8.33 5.95
N THR A 122 -16.19 -8.09 5.69
CA THR A 122 -15.15 -8.22 6.70
C THR A 122 -15.41 -7.35 7.92
N LEU A 123 -15.75 -6.08 7.68
CA LEU A 123 -15.97 -5.15 8.78
C LEU A 123 -17.20 -5.57 9.59
N ARG A 124 -18.25 -6.00 8.90
CA ARG A 124 -19.47 -6.46 9.56
C ARG A 124 -19.26 -7.69 10.43
N GLU A 125 -18.50 -8.64 9.88
CA GLU A 125 -18.24 -9.92 10.51
C GLU A 125 -17.31 -9.75 11.69
N SER A 126 -16.47 -8.73 11.66
CA SER A 126 -15.41 -8.57 12.65
C SER A 126 -15.93 -8.26 14.04
N ALA A 127 -15.29 -8.85 15.03
CA ALA A 127 -15.58 -8.60 16.44
C ALA A 127 -14.76 -7.43 17.00
N GLU A 128 -13.83 -6.91 16.20
CA GLU A 128 -12.92 -5.84 16.61
C GLU A 128 -12.64 -4.89 15.43
N PRO A 129 -12.25 -3.65 15.71
CA PRO A 129 -11.90 -2.73 14.61
C PRO A 129 -10.75 -3.28 13.75
N VAL A 130 -10.90 -3.06 12.44
CA VAL A 130 -9.98 -3.62 11.44
C VAL A 130 -9.10 -2.50 10.90
N THR A 131 -7.82 -2.82 10.67
CA THR A 131 -6.91 -1.84 10.08
C THR A 131 -6.92 -1.98 8.56
N ILE A 132 -7.16 -0.88 7.84
CA ILE A 132 -7.11 -0.93 6.37
C ILE A 132 -5.74 -0.44 5.90
N VAL A 133 -5.12 -1.19 4.99
CA VAL A 133 -3.84 -0.78 4.41
C VAL A 133 -4.08 -0.65 2.92
N SER A 134 -3.86 0.54 2.37
CA SER A 134 -4.14 0.77 0.96
C SER A 134 -2.91 1.37 0.28
N THR A 135 -2.35 0.62 -0.67
CA THR A 135 -1.06 0.98 -1.27
C THR A 135 -1.13 1.29 -2.76
N GLY A 136 -2.35 1.42 -3.28
CA GLY A 136 -2.56 2.00 -4.60
C GLY A 136 -3.43 3.24 -4.44
N PRO A 137 -4.10 3.68 -5.51
CA PRO A 137 -5.06 4.80 -5.42
C PRO A 137 -6.15 4.46 -4.39
N GLN A 138 -6.72 5.49 -3.76
CA GLN A 138 -7.63 5.30 -2.63
C GLN A 138 -9.08 5.03 -3.03
N THR A 139 -9.30 4.72 -4.31
CA THR A 139 -10.66 4.60 -4.87
C THR A 139 -11.59 3.67 -4.08
N ASN A 140 -11.13 2.45 -3.83
CA ASN A 140 -11.96 1.48 -3.10
C ASN A 140 -12.25 1.90 -1.67
N VAL A 141 -11.21 2.42 -1.01
CA VAL A 141 -11.32 2.87 0.37
C VAL A 141 -12.34 4.01 0.48
N ALA A 142 -12.26 4.98 -0.43
CA ALA A 142 -13.22 6.08 -0.42
C ALA A 142 -14.65 5.58 -0.63
N LEU A 143 -14.84 4.65 -1.56
CA LEU A 143 -16.16 4.10 -1.82
C LEU A 143 -16.70 3.38 -0.57
N LEU A 144 -15.83 2.65 0.10
CA LEU A 144 -16.22 2.02 1.37
C LEU A 144 -16.65 3.04 2.42
N LEU A 145 -15.85 4.09 2.61
CA LEU A 145 -16.14 5.12 3.61
C LEU A 145 -17.46 5.83 3.38
N ASN A 146 -17.68 6.25 2.13
CA ASN A 146 -18.90 6.97 1.79
C ASN A 146 -20.14 6.09 1.76
N SER A 147 -19.99 4.83 1.32
CA SER A 147 -21.15 3.95 1.19
C SER A 147 -21.50 3.23 2.50
N HIS A 148 -20.57 3.22 3.45
CA HIS A 148 -20.79 2.50 4.72
C HIS A 148 -20.49 3.33 5.96
N PRO A 149 -21.22 4.42 6.16
CA PRO A 149 -21.01 5.26 7.34
C PRO A 149 -21.22 4.47 8.64
N GLU A 150 -22.10 3.47 8.59
CA GLU A 150 -22.40 2.61 9.76
C GLU A 150 -21.24 1.70 10.17
N LEU A 151 -20.25 1.57 9.28
CA LEU A 151 -19.07 0.73 9.53
C LEU A 151 -17.80 1.50 9.90
N HIS A 152 -17.89 2.82 9.99
CA HIS A 152 -16.73 3.62 10.37
C HIS A 152 -16.18 3.19 11.73
N SER A 153 -17.05 2.82 12.67
CA SER A 153 -16.59 2.43 14.01
C SER A 153 -15.85 1.09 14.01
N LYS A 154 -15.94 0.35 12.90
CA LYS A 154 -15.23 -0.91 12.74
C LYS A 154 -13.87 -0.73 12.03
N ILE A 155 -13.50 0.50 11.71
CA ILE A 155 -12.21 0.81 11.07
C ILE A 155 -11.29 1.45 12.11
N ALA A 156 -10.23 0.74 12.49
CA ALA A 156 -9.29 1.24 13.50
C ALA A 156 -8.49 2.43 12.97
N ARG A 157 -8.03 2.30 11.72
CA ARG A 157 -7.19 3.29 11.07
C ARG A 157 -7.01 2.87 9.63
N ILE A 158 -6.57 3.83 8.81
CA ILE A 158 -6.24 3.59 7.41
C ILE A 158 -4.78 3.97 7.20
N VAL A 159 -3.96 2.99 6.83
CA VAL A 159 -2.52 3.19 6.60
C VAL A 159 -2.29 3.18 5.08
N ILE A 160 -1.89 4.32 4.53
CA ILE A 160 -1.71 4.42 3.08
C ILE A 160 -0.24 4.53 2.71
N MET A 161 0.06 4.10 1.48
CA MET A 161 1.26 4.55 0.82
C MET A 161 0.75 5.56 -0.21
N GLY A 162 1.18 6.80 -0.07
CA GLY A 162 0.81 7.83 -1.03
C GLY A 162 1.18 9.20 -0.50
N GLY A 163 1.24 10.16 -1.43
CA GLY A 163 1.50 11.55 -1.10
C GLY A 163 2.96 11.88 -0.92
N ALA A 164 3.21 13.16 -0.65
CA ALA A 164 4.55 13.68 -0.41
C ALA A 164 4.39 15.03 0.22
N MET A 165 5.07 15.24 1.35
CA MET A 165 5.13 16.57 1.93
C MET A 165 5.99 17.41 1.00
N GLY A 166 7.04 16.80 0.45
CA GLY A 166 7.92 17.42 -0.52
C GLY A 166 7.48 17.19 -1.96
N LEU A 167 8.45 17.15 -2.88
CA LEU A 167 8.15 17.06 -4.31
C LEU A 167 7.52 15.72 -4.70
N GLY A 168 6.69 15.75 -5.75
CA GLY A 168 6.04 14.55 -6.25
C GLY A 168 6.93 13.71 -7.17
N ASN A 169 6.49 12.49 -7.44
CA ASN A 169 7.19 11.60 -8.38
C ASN A 169 6.42 11.40 -9.68
N TRP A 170 5.25 12.03 -9.79
CA TRP A 170 4.44 11.88 -11.00
C TRP A 170 4.25 13.21 -11.72
N THR A 171 3.83 14.23 -10.97
CA THR A 171 3.83 15.59 -11.46
C THR A 171 4.67 16.35 -10.45
N PRO A 172 5.06 17.60 -10.74
CA PRO A 172 5.92 18.34 -9.82
C PRO A 172 5.44 18.33 -8.36
N ALA A 173 4.14 18.45 -8.13
CA ALA A 173 3.62 18.53 -6.76
C ALA A 173 2.97 17.26 -6.23
N ALA A 174 2.76 16.25 -7.10
CA ALA A 174 1.95 15.10 -6.72
C ALA A 174 2.64 13.75 -6.86
N GLU A 175 2.43 12.90 -5.85
CA GLU A 175 2.82 11.49 -5.90
C GLU A 175 1.76 10.70 -6.72
N PHE A 176 2.18 9.62 -7.39
CA PHE A 176 1.35 8.84 -8.29
C PHE A 176 -0.01 8.39 -7.74
N ASN A 177 -0.01 7.70 -6.59
CA ASN A 177 -1.26 7.16 -6.07
C ASN A 177 -2.34 8.19 -5.80
N ILE A 178 -1.93 9.32 -5.25
CA ILE A 178 -2.87 10.41 -4.98
C ILE A 178 -3.29 11.05 -6.30
N TYR A 179 -2.33 11.26 -7.20
CA TYR A 179 -2.65 11.88 -8.49
C TYR A 179 -3.71 11.09 -9.28
N VAL A 180 -3.64 9.76 -9.23
CA VAL A 180 -4.58 8.91 -9.99
C VAL A 180 -6.02 9.15 -9.53
N ASP A 181 -6.20 9.34 -8.22
CA ASP A 181 -7.53 9.61 -7.70
C ASP A 181 -7.47 10.59 -6.51
N PRO A 182 -7.35 11.88 -6.81
CA PRO A 182 -7.23 12.90 -5.75
C PRO A 182 -8.49 12.99 -4.90
N GLU A 183 -9.66 12.91 -5.55
CA GLU A 183 -10.92 12.97 -4.83
C GLU A 183 -11.06 11.83 -3.81
N ALA A 184 -10.68 10.62 -4.20
CA ALA A 184 -10.72 9.48 -3.26
C ALA A 184 -9.78 9.68 -2.07
N ALA A 185 -8.59 10.19 -2.36
CA ALA A 185 -7.63 10.45 -1.28
C ALA A 185 -8.17 11.52 -0.33
N GLU A 186 -8.75 12.59 -0.89
CA GLU A 186 -9.35 13.65 -0.07
C GLU A 186 -10.46 13.09 0.82
N ILE A 187 -11.28 12.19 0.27
CA ILE A 187 -12.35 11.55 1.06
C ILE A 187 -11.76 10.79 2.27
N VAL A 188 -10.68 10.05 2.02
CA VAL A 188 -9.98 9.35 3.11
C VAL A 188 -9.48 10.33 4.18
N PHE A 189 -8.79 11.38 3.77
CA PHE A 189 -8.24 12.35 4.74
C PHE A 189 -9.31 13.14 5.51
N GLN A 190 -10.48 13.34 4.90
CA GLN A 190 -11.62 14.05 5.51
C GLN A 190 -12.54 13.14 6.36
N SER A 191 -12.24 11.85 6.41
CA SER A 191 -13.21 10.86 6.90
C SER A 191 -13.45 10.82 8.41
N GLY A 192 -12.52 11.37 9.18
CA GLY A 192 -12.57 11.29 10.65
C GLY A 192 -12.00 10.01 11.23
N ILE A 193 -11.51 9.12 10.37
CA ILE A 193 -10.84 7.90 10.79
C ILE A 193 -9.35 8.23 10.81
N PRO A 194 -8.62 7.77 11.82
CA PRO A 194 -7.16 7.99 11.88
C PRO A 194 -6.50 7.51 10.58
N VAL A 195 -5.66 8.36 10.00
CA VAL A 195 -4.98 8.06 8.74
C VAL A 195 -3.49 8.11 9.04
N VAL A 196 -2.74 7.13 8.51
CA VAL A 196 -1.29 7.09 8.65
C VAL A 196 -0.73 7.08 7.23
N MET A 197 0.19 7.99 6.95
CA MET A 197 0.67 8.19 5.59
C MET A 197 2.15 7.89 5.42
N ALA A 198 2.45 6.89 4.60
CA ALA A 198 3.81 6.63 4.15
C ALA A 198 3.95 7.33 2.82
N GLY A 199 4.37 8.59 2.85
CA GLY A 199 4.57 9.36 1.64
C GLY A 199 6.00 9.24 1.13
N LEU A 200 6.29 9.93 0.02
CA LEU A 200 7.64 9.89 -0.56
C LEU A 200 8.75 10.39 0.36
N ASP A 201 8.38 11.20 1.36
CA ASP A 201 9.35 11.69 2.34
C ASP A 201 10.03 10.54 3.06
N VAL A 202 9.26 9.51 3.38
CA VAL A 202 9.80 8.31 4.01
C VAL A 202 10.21 7.28 2.96
N THR A 203 9.41 7.09 1.91
CA THR A 203 9.70 5.95 1.00
C THR A 203 10.98 6.18 0.17
N HIS A 204 11.30 7.44 -0.14
CA HIS A 204 12.53 7.72 -0.87
C HIS A 204 13.78 7.47 -0.03
N LYS A 205 13.60 7.37 1.29
CA LYS A 205 14.67 7.00 2.20
C LYS A 205 14.77 5.48 2.34
N ALA A 206 13.69 4.78 2.04
CA ALA A 206 13.61 3.32 2.19
C ALA A 206 14.16 2.61 0.96
N GLN A 207 15.42 2.91 0.67
CA GLN A 207 16.07 2.43 -0.53
C GLN A 207 16.66 1.05 -0.34
N ILE A 208 16.47 0.20 -1.34
CA ILE A 208 17.08 -1.11 -1.38
C ILE A 208 18.31 -0.99 -2.28
N HIS A 209 19.49 -1.18 -1.71
CA HIS A 209 20.73 -1.11 -2.46
C HIS A 209 20.96 -2.46 -3.14
N VAL A 210 21.84 -2.50 -4.13
CA VAL A 210 22.17 -3.76 -4.80
C VAL A 210 22.64 -4.83 -3.80
N GLU A 211 23.37 -4.40 -2.77
CA GLU A 211 23.87 -5.29 -1.72
C GLU A 211 22.75 -5.90 -0.89
N ASP A 212 21.66 -5.16 -0.73
CA ASP A 212 20.49 -5.65 -0.01
C ASP A 212 19.75 -6.72 -0.80
N THR A 213 19.61 -6.53 -2.11
CA THR A 213 19.00 -7.52 -2.99
C THR A 213 19.84 -8.79 -2.98
N GLU A 214 21.17 -8.64 -3.01
CA GLU A 214 22.10 -9.78 -2.88
C GLU A 214 21.85 -10.53 -1.58
N ARG A 215 21.67 -9.79 -0.49
CA ARG A 215 21.37 -10.36 0.82
C ARG A 215 20.05 -11.16 0.81
N PHE A 216 19.03 -10.60 0.18
CA PHE A 216 17.72 -11.29 0.09
C PHE A 216 17.86 -12.59 -0.71
N ARG A 217 18.59 -12.51 -1.83
CA ARG A 217 18.88 -13.64 -2.70
C ARG A 217 19.64 -14.75 -1.95
N ALA A 218 20.58 -14.33 -1.09
CA ALA A 218 21.36 -15.25 -0.27
C ALA A 218 20.57 -15.94 0.84
N ILE A 219 19.36 -15.45 1.13
CA ILE A 219 18.49 -16.12 2.11
C ILE A 219 18.17 -17.53 1.61
N GLY A 220 17.99 -17.67 0.30
CA GLY A 220 18.01 -18.96 -0.35
C GLY A 220 16.72 -19.70 -0.64
N ASN A 221 15.57 -19.15 -0.28
CA ASN A 221 14.30 -19.85 -0.53
C ASN A 221 13.58 -19.31 -1.77
N PRO A 222 12.59 -20.02 -2.32
CA PRO A 222 11.92 -19.57 -3.56
C PRO A 222 11.27 -18.18 -3.46
N VAL A 223 10.79 -17.82 -2.28
CA VAL A 223 10.12 -16.52 -2.12
C VAL A 223 11.15 -15.40 -2.01
N SER A 224 12.21 -15.61 -1.22
CA SER A 224 13.26 -14.60 -1.16
C SER A 224 13.89 -14.35 -2.55
N THR A 225 13.97 -15.41 -3.34
CA THR A 225 14.45 -15.35 -4.72
C THR A 225 13.52 -14.50 -5.58
N ILE A 226 12.22 -14.75 -5.51
CA ILE A 226 11.23 -13.97 -6.27
C ILE A 226 11.27 -12.49 -5.89
N VAL A 227 11.38 -12.21 -4.59
CA VAL A 227 11.49 -10.83 -4.08
C VAL A 227 12.72 -10.16 -4.72
N ALA A 228 13.86 -10.85 -4.69
CA ALA A 228 15.07 -10.34 -5.33
C ALA A 228 14.87 -10.06 -6.82
N GLU A 229 14.20 -10.96 -7.53
CA GLU A 229 13.89 -10.79 -8.95
C GLU A 229 12.99 -9.59 -9.22
N LEU A 230 11.99 -9.40 -8.37
CA LEU A 230 11.11 -8.23 -8.47
C LEU A 230 11.91 -6.94 -8.29
N LEU A 231 12.83 -6.93 -7.34
CA LEU A 231 13.68 -5.77 -7.06
C LEU A 231 14.69 -5.51 -8.19
N ASP A 232 15.25 -6.60 -8.73
CA ASP A 232 16.15 -6.59 -9.88
C ASP A 232 15.59 -5.83 -11.05
N PHE A 233 14.38 -6.23 -11.45
CA PHE A 233 13.79 -5.77 -12.70
C PHE A 233 13.43 -4.30 -12.64
N PHE A 234 12.91 -3.85 -11.51
CA PHE A 234 12.55 -2.45 -11.37
C PHE A 234 13.77 -1.53 -11.49
N LEU A 235 14.86 -1.88 -10.81
CA LEU A 235 16.09 -1.13 -10.87
C LEU A 235 16.66 -1.04 -12.30
N GLU A 236 16.60 -2.16 -13.02
CA GLU A 236 17.08 -2.21 -14.41
C GLU A 236 15.98 -1.85 -15.41
N LYS A 242 18.38 11.44 -12.16
CA LYS A 242 17.96 12.76 -11.65
C LYS A 242 17.59 12.74 -10.17
N TRP A 243 17.04 11.61 -9.72
CA TRP A 243 16.57 11.47 -8.34
C TRP A 243 17.70 11.43 -7.30
N GLY A 244 18.87 10.94 -7.71
CA GLY A 244 20.02 10.84 -6.83
C GLY A 244 19.91 9.75 -5.77
N PHE A 245 19.28 8.64 -6.15
CA PHE A 245 19.12 7.47 -5.27
C PHE A 245 20.33 6.55 -5.37
N VAL A 246 20.72 5.98 -4.23
CA VAL A 246 21.74 4.92 -4.19
C VAL A 246 21.08 3.60 -4.61
N GLY A 247 19.93 3.30 -4.01
CA GLY A 247 19.12 2.16 -4.40
C GLY A 247 17.68 2.55 -4.68
N ALA A 248 16.88 1.60 -5.15
CA ALA A 248 15.48 1.84 -5.48
C ALA A 248 14.59 1.97 -4.23
N PRO A 249 13.77 3.02 -4.15
CA PRO A 249 12.83 3.17 -3.02
C PRO A 249 11.83 2.04 -3.05
N LEU A 250 11.60 1.43 -1.90
CA LEU A 250 10.63 0.35 -1.81
C LEU A 250 9.43 0.89 -1.03
N HIS A 251 8.46 1.44 -1.77
CA HIS A 251 7.40 2.23 -1.14
C HIS A 251 6.41 1.43 -0.28
N ASP A 252 5.63 0.56 -0.93
CA ASP A 252 4.47 -0.04 -0.26
C ASP A 252 4.75 -0.86 1.00
N PRO A 253 5.84 -1.64 1.05
CA PRO A 253 6.20 -2.34 2.29
C PRO A 253 6.43 -1.42 3.50
N CYS A 254 6.64 -0.11 3.32
CA CYS A 254 6.74 0.79 4.47
C CYS A 254 5.46 0.78 5.33
N THR A 255 4.30 0.55 4.71
CA THR A 255 3.04 0.54 5.47
C THR A 255 3.00 -0.64 6.45
N ILE A 256 3.33 -1.83 5.93
CA ILE A 256 3.36 -3.06 6.74
C ILE A 256 4.47 -2.99 7.76
N ALA A 257 5.63 -2.48 7.35
CA ALA A 257 6.77 -2.33 8.26
C ALA A 257 6.44 -1.42 9.44
N TRP A 258 5.66 -0.36 9.19
CA TRP A 258 5.25 0.58 10.23
C TRP A 258 4.32 -0.09 11.23
N LEU A 259 3.42 -0.96 10.75
CA LEU A 259 2.55 -1.73 11.62
C LEU A 259 3.34 -2.71 12.50
N LEU A 260 4.37 -3.32 11.92
CA LEU A 260 5.16 -4.33 12.63
C LEU A 260 6.15 -3.72 13.62
N LYS A 261 6.81 -2.64 13.20
CA LYS A 261 7.88 -2.02 13.99
C LYS A 261 7.87 -0.50 13.82
N PRO A 262 6.91 0.19 14.46
CA PRO A 262 6.80 1.64 14.31
C PRO A 262 8.05 2.38 14.79
N GLU A 263 8.81 1.74 15.67
CA GLU A 263 10.07 2.28 16.19
C GLU A 263 11.13 2.48 15.10
N LEU A 264 10.95 1.84 13.95
CA LEU A 264 11.82 2.10 12.80
C LEU A 264 11.59 3.45 12.12
N PHE A 265 10.47 4.09 12.45
CA PHE A 265 10.03 5.31 11.78
C PHE A 265 9.94 6.52 12.73
N THR A 266 10.08 7.71 12.15
CA THR A 266 9.74 8.95 12.84
C THR A 266 8.46 9.42 12.19
N SER A 267 7.44 9.69 13.00
CA SER A 267 6.15 10.12 12.46
C SER A 267 5.59 11.27 13.28
N VAL A 268 4.96 12.20 12.58
CA VAL A 268 4.37 13.38 13.21
C VAL A 268 2.89 13.48 12.82
N GLU A 269 2.09 14.02 13.72
CA GLU A 269 0.68 14.25 13.44
C GLU A 269 0.49 15.69 12.99
N ARG A 270 -0.03 15.86 11.78
CA ARG A 270 -0.27 17.18 11.19
C ARG A 270 -1.58 17.13 10.40
N TRP A 271 -2.07 18.32 10.02
CA TRP A 271 -3.19 18.39 9.09
C TRP A 271 -2.69 18.16 7.67
N VAL A 272 -3.44 17.34 6.92
CA VAL A 272 -3.14 17.07 5.52
C VAL A 272 -4.41 17.30 4.70
N GLY A 273 -4.30 18.07 3.63
CA GLY A 273 -5.40 18.26 2.69
C GLY A 273 -4.95 17.83 1.31
N VAL A 274 -5.84 17.19 0.54
CA VAL A 274 -5.48 16.79 -0.82
C VAL A 274 -6.05 17.80 -1.82
N GLU A 275 -5.18 18.35 -2.66
CA GLU A 275 -5.63 19.33 -3.67
C GLU A 275 -6.39 18.63 -4.79
N THR A 276 -7.61 19.09 -5.08
CA THR A 276 -8.38 18.48 -6.17
C THR A 276 -8.76 19.46 -7.29
N GLN A 277 -8.46 20.75 -7.10
CA GLN A 277 -8.94 21.80 -8.01
C GLN A 277 -7.84 22.60 -8.72
N GLY A 278 -6.62 22.59 -8.18
CA GLY A 278 -5.56 23.45 -8.69
C GLY A 278 -5.19 23.30 -10.14
N LYS A 279 -4.71 24.37 -10.77
CA LYS A 279 -4.26 24.32 -12.15
C LYS A 279 -2.98 23.48 -12.24
N TYR A 280 -2.07 23.71 -11.29
CA TYR A 280 -0.76 23.09 -11.32
C TYR A 280 -0.49 22.11 -10.17
N THR A 281 -1.49 21.87 -9.32
CA THR A 281 -1.26 21.17 -8.05
C THR A 281 -2.21 20.02 -7.78
N GLN A 282 -3.01 19.59 -8.75
CA GLN A 282 -3.94 18.46 -8.51
C GLN A 282 -3.17 17.26 -7.98
N GLY A 283 -3.70 16.65 -6.91
CA GLY A 283 -3.12 15.46 -6.33
C GLY A 283 -2.03 15.70 -5.28
N MET A 284 -1.72 16.98 -5.02
CA MET A 284 -0.74 17.29 -3.99
C MET A 284 -1.33 17.00 -2.61
N THR A 285 -0.51 16.43 -1.72
CA THR A 285 -0.91 16.35 -0.31
C THR A 285 -0.27 17.56 0.36
N VAL A 286 -1.10 18.46 0.85
CA VAL A 286 -0.63 19.69 1.47
C VAL A 286 -0.53 19.40 2.95
N VAL A 287 0.69 19.40 3.48
CA VAL A 287 0.91 19.05 4.89
C VAL A 287 1.27 20.30 5.68
N ASP A 288 0.48 20.60 6.70
CA ASP A 288 0.69 21.80 7.50
C ASP A 288 1.73 21.52 8.59
N TYR A 289 2.96 21.26 8.14
CA TYR A 289 4.04 20.84 9.03
C TYR A 289 4.35 21.86 10.15
N TYR A 290 4.26 23.15 9.81
CA TYR A 290 4.64 24.23 10.72
C TYR A 290 3.48 24.92 11.41
N TYR A 291 2.30 24.27 11.41
CA TYR A 291 1.10 24.78 12.08
C TYR A 291 0.74 26.20 11.70
N LEU A 292 0.65 26.42 10.39
CA LEU A 292 0.31 27.72 9.81
C LEU A 292 -1.19 27.92 9.64
N THR A 293 -1.96 26.84 9.67
CA THR A 293 -3.42 26.91 9.53
C THR A 293 -4.05 26.70 10.89
N GLY A 294 -5.34 26.94 11.01
CA GLY A 294 -6.02 26.61 12.25
C GLY A 294 -6.47 25.16 12.32
N ASN A 295 -6.08 24.35 11.33
CA ASN A 295 -6.66 23.01 11.16
C ASN A 295 -6.10 21.98 12.14
N LYS A 296 -7.00 21.24 12.78
CA LYS A 296 -6.59 20.17 13.67
C LYS A 296 -5.99 19.01 12.86
N PRO A 297 -4.91 18.40 13.34
CA PRO A 297 -4.31 17.27 12.62
C PRO A 297 -5.29 16.14 12.33
N ASN A 298 -5.17 15.55 11.15
CA ASN A 298 -6.02 14.44 10.74
C ASN A 298 -5.21 13.24 10.26
N ALA A 299 -3.88 13.33 10.33
CA ALA A 299 -3.03 12.25 9.84
C ALA A 299 -1.71 12.13 10.59
N THR A 300 -1.20 10.92 10.62
CA THR A 300 0.15 10.63 11.06
C THR A 300 1.02 10.51 9.81
N VAL A 301 2.01 11.39 9.69
CA VAL A 301 2.83 11.47 8.49
C VAL A 301 4.22 10.93 8.83
N MET A 302 4.63 9.88 8.14
CA MET A 302 5.96 9.30 8.31
C MET A 302 6.97 10.19 7.61
N VAL A 303 8.02 10.58 8.34
CA VAL A 303 9.01 11.52 7.82
C VAL A 303 10.45 10.99 7.82
N ASP A 304 10.68 9.90 8.55
CA ASP A 304 12.00 9.29 8.58
C ASP A 304 11.89 7.79 8.82
N VAL A 305 12.94 7.07 8.40
CA VAL A 305 13.04 5.62 8.63
C VAL A 305 14.50 5.22 8.83
N ASP A 306 14.71 4.26 9.72
CA ASP A 306 16.01 3.60 9.87
C ASP A 306 16.09 2.59 8.72
N ARG A 307 16.77 2.99 7.67
CA ARG A 307 16.82 2.21 6.43
C ARG A 307 17.40 0.81 6.63
N GLN A 308 18.53 0.72 7.32
CA GLN A 308 19.13 -0.59 7.59
C GLN A 308 18.18 -1.44 8.44
N GLY A 309 17.53 -0.83 9.43
CA GLY A 309 16.52 -1.53 10.22
C GLY A 309 15.38 -2.10 9.39
N PHE A 310 14.97 -1.33 8.39
CA PHE A 310 13.89 -1.70 7.45
C PHE A 310 14.34 -2.89 6.60
N VAL A 311 15.57 -2.82 6.09
CA VAL A 311 16.14 -3.93 5.33
C VAL A 311 16.28 -5.17 6.21
N ASP A 312 16.78 -5.00 7.44
CA ASP A 312 16.89 -6.08 8.40
C ASP A 312 15.54 -6.76 8.64
N LEU A 313 14.49 -5.95 8.77
CA LEU A 313 13.14 -6.48 8.99
C LEU A 313 12.71 -7.36 7.83
N LEU A 314 12.90 -6.87 6.60
CA LEU A 314 12.53 -7.64 5.41
C LEU A 314 13.31 -8.96 5.34
N ALA A 315 14.62 -8.87 5.56
CA ALA A 315 15.47 -10.06 5.51
C ALA A 315 15.09 -11.09 6.57
N ASP A 316 14.81 -10.63 7.79
CA ASP A 316 14.39 -11.52 8.87
C ASP A 316 13.07 -12.21 8.54
N ARG A 317 12.11 -11.43 8.04
CA ARG A 317 10.79 -11.98 7.73
C ARG A 317 10.80 -12.95 6.55
N LEU A 318 11.70 -12.73 5.59
CA LEU A 318 11.82 -13.63 4.44
C LEU A 318 12.22 -15.07 4.82
N LYS A 319 12.81 -15.24 6.01
CA LYS A 319 13.16 -16.57 6.54
C LYS A 319 11.92 -17.42 6.82
N PHE A 320 10.76 -16.76 6.94
CA PHE A 320 9.47 -17.43 7.12
C PHE A 320 9.20 -18.46 6.02
N TYR A 321 9.73 -18.21 4.82
CA TYR A 321 9.44 -19.05 3.67
C TYR A 321 10.48 -20.14 3.43
N ALA A 322 11.34 -20.38 4.41
CA ALA A 322 12.39 -21.41 4.33
C ALA A 322 11.80 -22.80 4.11
O5 RIB B . 4.72 6.63 -5.71
O5 RIB B . 4.41 6.39 -6.18
C5 RIB B . 4.83 5.34 -5.12
C5 RIB B . 4.58 5.21 -5.40
C4 RIB B . 3.70 4.45 -5.65
C4 RIB B . 3.50 4.20 -5.82
O4 RIB B . 3.81 4.42 -7.08
O4 RIB B . 3.64 4.00 -7.23
C3 RIB B . 3.80 3.02 -5.15
C3 RIB B . 3.68 2.83 -5.17
O3 RIB B . 2.53 2.62 -4.65
O3 RIB B . 2.50 2.48 -4.46
C2 RIB B . 4.19 2.19 -6.36
C2 RIB B . 3.98 1.87 -6.32
O2 RIB B . 3.42 1.00 -6.50
O2 RIB B . 3.29 0.63 -6.24
C1 RIB B . 4.04 3.10 -7.57
C1 RIB B . 3.54 2.62 -7.57
O1 RIB B . 2.90 2.71 -8.33
O1 RIB B . 4.33 2.28 -8.70
CA CA C . 1.14 0.37 -5.16
#